data_2BV1
#
_entry.id   2BV1
#
_cell.length_a   40.738
_cell.length_b   43.202
_cell.length_c   58.651
_cell.angle_alpha   78.43
_cell.angle_beta   85.30
_cell.angle_gamma   69.74
#
_symmetry.space_group_name_H-M   'P 1'
#
loop_
_entity.id
_entity.type
_entity.pdbx_description
1 polymer 'REGULATOR OF G-PROTEIN SIGNALLING 1'
2 water water
#
_entity_poly.entity_id   1
_entity_poly.type   'polypeptide(L)'
_entity_poly.pdbx_seq_one_letter_code
;SMSGMKSSKSKDVLSAAEVMQWSQSLEKLLANQTGQNVFGSFLKSEFSEENIEFWLACEDYKKTESDLLPCKAEEIYKAF
VHSDAAKQINIDFRTRESTAKKIKAPTPTCFDEAQKVIYTLMEKDSYPRFLKSDIYLNLLNDLQA
;
_entity_poly.pdbx_strand_id   A,B
#
# COMPACT_ATOMS: atom_id res chain seq x y z
N LYS A 11 -21.80 3.92 12.94
CA LYS A 11 -20.81 4.92 12.42
C LYS A 11 -20.08 4.38 11.20
N ASP A 12 -20.38 4.95 10.04
CA ASP A 12 -19.65 4.66 8.81
C ASP A 12 -18.25 5.31 8.90
N VAL A 13 -17.25 4.61 8.41
CA VAL A 13 -15.88 5.13 8.43
C VAL A 13 -15.34 5.32 7.01
N LEU A 14 -15.96 4.66 6.02
CA LEU A 14 -15.63 4.81 4.60
C LEU A 14 -16.85 4.45 3.78
N SER A 15 -17.02 5.09 2.64
CA SER A 15 -18.11 4.75 1.67
C SER A 15 -17.59 4.70 0.26
N ALA A 16 -18.33 3.98 -0.59
CA ALA A 16 -18.01 3.90 -2.01
C ALA A 16 -18.05 5.33 -2.60
N ALA A 17 -19.03 6.12 -2.16
CA ALA A 17 -19.18 7.51 -2.62
C ALA A 17 -17.91 8.27 -2.35
N GLU A 18 -17.36 8.14 -1.13
CA GLU A 18 -16.15 8.87 -0.77
C GLU A 18 -14.97 8.48 -1.62
N VAL A 19 -14.78 7.18 -1.79
CA VAL A 19 -13.71 6.64 -2.57
C VAL A 19 -13.89 7.07 -4.06
N MET A 20 -15.13 7.11 -4.58
CA MET A 20 -15.40 7.71 -5.93
C MET A 20 -14.91 9.17 -6.03
N GLN A 21 -15.20 10.00 -5.02
CA GLN A 21 -14.76 11.37 -4.96
C GLN A 21 -13.25 11.64 -5.11
N TRP A 22 -12.45 10.68 -4.68
CA TRP A 22 -10.99 10.75 -4.82
C TRP A 22 -10.55 10.81 -6.29
N SER A 23 -11.39 10.25 -7.19
CA SER A 23 -11.17 10.38 -8.63
C SER A 23 -11.51 11.76 -9.18
N GLN A 24 -12.13 12.63 -8.39
CA GLN A 24 -12.42 13.97 -8.86
C GLN A 24 -11.17 14.87 -9.01
N SER A 25 -10.27 14.81 -8.05
CA SER A 25 -9.04 15.59 -8.07
C SER A 25 -8.10 15.05 -7.04
N LEU A 26 -6.81 15.23 -7.28
CA LEU A 26 -5.82 14.81 -6.34
C LEU A 26 -6.12 15.52 -4.98
N GLU A 27 -6.55 16.76 -5.07
CA GLU A 27 -6.88 17.53 -3.88
C GLU A 27 -7.96 16.84 -3.02
N LYS A 28 -9.01 16.26 -3.60
CA LYS A 28 -10.01 15.52 -2.81
C LYS A 28 -9.41 14.24 -2.24
N LEU A 29 -8.59 13.54 -3.01
CA LEU A 29 -7.95 12.35 -2.48
C LEU A 29 -7.08 12.71 -1.23
N LEU A 30 -6.27 13.76 -1.35
CA LEU A 30 -5.39 14.14 -0.24
C LEU A 30 -6.09 14.79 0.96
N ALA A 31 -7.34 15.27 0.81
CA ALA A 31 -8.08 15.84 1.90
C ALA A 31 -8.72 14.78 2.83
N ASN A 32 -8.70 13.52 2.39
CA ASN A 32 -9.18 12.37 3.13
C ASN A 32 -7.97 11.56 3.68
N GLN A 33 -7.93 11.38 4.99
CA GLN A 33 -6.79 10.73 5.64
C GLN A 33 -6.62 9.30 5.10
N THR A 34 -7.73 8.60 4.93
CA THR A 34 -7.65 7.25 4.38
C THR A 34 -7.23 7.23 2.92
N GLY A 35 -7.69 8.20 2.14
CA GLY A 35 -7.22 8.36 0.75
C GLY A 35 -5.74 8.59 0.70
N GLN A 36 -5.24 9.45 1.58
CA GLN A 36 -3.80 9.64 1.68
C GLN A 36 -3.06 8.35 1.96
N ASN A 37 -3.56 7.58 2.93
CA ASN A 37 -2.97 6.34 3.32
C ASN A 37 -2.98 5.30 2.18
N VAL A 38 -4.08 5.19 1.46
CA VAL A 38 -4.19 4.21 0.36
C VAL A 38 -3.30 4.65 -0.86
N PHE A 39 -3.36 5.92 -1.19
CA PHE A 39 -2.49 6.48 -2.24
C PHE A 39 -1.00 6.31 -1.88
N GLY A 40 -0.68 6.70 -0.65
CA GLY A 40 0.61 6.42 -0.07
C GLY A 40 1.10 5.01 -0.25
N SER A 41 0.22 4.02 0.05
CA SER A 41 0.59 2.63 -0.08
C SER A 41 0.92 2.27 -1.53
N PHE A 42 0.11 2.77 -2.46
CA PHE A 42 0.37 2.56 -3.92
C PHE A 42 1.71 3.20 -4.39
N LEU A 43 2.00 4.41 -3.93
CA LEU A 43 3.27 5.06 -4.24
C LEU A 43 4.44 4.28 -3.68
N LYS A 44 4.29 3.76 -2.45
CA LYS A 44 5.31 2.94 -1.84
C LYS A 44 5.53 1.68 -2.68
N SER A 45 4.47 1.00 -3.10
CA SER A 45 4.64 -0.15 -4.02
C SER A 45 5.34 0.20 -5.35
N GLU A 46 5.33 1.49 -5.71
CA GLU A 46 5.86 2.05 -6.98
C GLU A 46 7.18 2.81 -6.86
N PHE A 47 7.78 2.75 -5.66
CA PHE A 47 8.97 3.51 -5.27
C PHE A 47 8.91 5.01 -5.56
N SER A 48 7.77 5.65 -5.29
CA SER A 48 7.61 7.08 -5.46
C SER A 48 6.97 7.77 -4.27
N GLU A 49 7.01 7.10 -3.11
CA GLU A 49 6.35 7.63 -1.92
C GLU A 49 7.03 8.86 -1.34
N GLU A 50 8.28 9.14 -1.73
CA GLU A 50 8.97 10.38 -1.33
C GLU A 50 8.14 11.59 -1.72
N ASN A 51 7.32 11.46 -2.75
CA ASN A 51 6.50 12.58 -3.22
C ASN A 51 5.43 12.98 -2.24
N ILE A 52 4.67 11.99 -1.76
CA ILE A 52 3.56 12.30 -0.84
C ILE A 52 4.10 12.61 0.55
N GLU A 53 5.16 11.93 0.92
CA GLU A 53 5.80 12.19 2.20
C GLU A 53 6.38 13.57 2.28
N PHE A 54 7.04 13.99 1.19
CA PHE A 54 7.48 15.37 1.10
C PHE A 54 6.34 16.32 1.19
N TRP A 55 5.29 16.07 0.42
CA TRP A 55 4.11 16.93 0.41
C TRP A 55 3.50 17.07 1.82
N LEU A 56 3.27 15.95 2.50
CA LEU A 56 2.77 15.97 3.89
C LEU A 56 3.74 16.64 4.87
N ALA A 57 5.05 16.49 4.67
CA ALA A 57 6.02 17.20 5.54
C ALA A 57 5.90 18.72 5.36
N CYS A 58 5.64 19.14 4.12
CA CYS A 58 5.51 20.58 3.84
C CYS A 58 4.28 21.15 4.52
N GLU A 59 3.18 20.38 4.53
CA GLU A 59 1.93 20.78 5.19
C GLU A 59 2.20 20.94 6.68
N ASP A 60 2.95 19.99 7.22
CA ASP A 60 3.30 19.99 8.62
C ASP A 60 4.32 21.11 8.96
N TYR A 61 5.19 21.45 8.00
CA TYR A 61 6.11 22.57 8.19
C TYR A 61 5.37 23.91 8.33
N LYS A 62 4.30 24.06 7.57
CA LYS A 62 3.53 25.29 7.48
C LYS A 62 2.74 25.62 8.73
N LYS A 63 2.43 24.60 9.53
CA LYS A 63 1.77 24.81 10.80
C LYS A 63 2.79 24.73 11.97
N THR A 64 4.09 24.86 11.70
CA THR A 64 5.11 24.72 12.74
C THR A 64 5.41 26.09 13.32
N GLU A 65 5.69 26.11 14.63
CA GLU A 65 5.95 27.34 15.35
C GLU A 65 7.22 27.95 14.84
N SER A 66 7.23 29.28 14.77
CA SER A 66 8.29 30.07 14.17
C SER A 66 9.73 29.68 14.61
N ASP A 67 9.95 29.55 15.91
CA ASP A 67 11.24 29.10 16.49
C ASP A 67 11.78 27.76 15.97
N LEU A 68 10.91 26.85 15.51
CA LEU A 68 11.37 25.53 15.06
C LEU A 68 11.45 25.38 13.55
N LEU A 69 11.24 26.47 12.82
CA LEU A 69 11.30 26.44 11.36
C LEU A 69 12.74 26.19 10.88
N PRO A 70 13.74 26.88 11.47
CA PRO A 70 15.09 26.53 10.97
C PRO A 70 15.39 25.01 11.03
N CYS A 71 15.10 24.38 12.17
CA CYS A 71 15.30 22.92 12.34
C CYS A 71 14.45 22.03 11.44
N LYS A 72 13.15 22.28 11.39
CA LYS A 72 12.25 21.57 10.49
C LYS A 72 12.65 21.72 9.02
N ALA A 73 12.97 22.93 8.60
CA ALA A 73 13.40 23.15 7.22
C ALA A 73 14.66 22.33 6.92
N GLU A 74 15.66 22.38 7.83
CA GLU A 74 16.87 21.58 7.67
C GLU A 74 16.57 20.09 7.60
N GLU A 75 15.63 19.60 8.41
CA GLU A 75 15.26 18.18 8.39
C GLU A 75 14.61 17.76 7.05
N ILE A 76 13.69 18.59 6.58
CA ILE A 76 12.98 18.30 5.35
C ILE A 76 13.96 18.34 4.17
N TYR A 77 14.84 19.34 4.19
CA TYR A 77 15.87 19.48 3.17
C TYR A 77 16.82 18.26 3.09
N LYS A 78 17.31 17.79 4.23
CA LYS A 78 18.21 16.63 4.21
C LYS A 78 17.47 15.35 3.81
N ALA A 79 16.23 15.20 4.26
CA ALA A 79 15.49 13.97 4.04
C ALA A 79 15.00 13.82 2.59
N PHE A 80 14.80 14.91 1.88
CA PHE A 80 14.02 14.89 0.59
C PHE A 80 14.66 15.68 -0.55
N VAL A 81 15.22 16.83 -0.25
CA VAL A 81 15.58 17.82 -1.26
C VAL A 81 17.03 17.73 -1.59
N HIS A 82 17.84 17.55 -0.56
CA HIS A 82 19.28 17.55 -0.70
C HIS A 82 19.70 16.40 -1.60
N SER A 83 20.73 16.70 -2.40
CA SER A 83 21.38 15.79 -3.33
C SER A 83 21.63 14.39 -2.77
N ASP A 84 21.92 14.32 -1.47
CA ASP A 84 22.28 13.09 -0.80
C ASP A 84 21.13 12.55 0.05
N ALA A 85 19.89 12.92 -0.30
CA ALA A 85 18.70 12.39 0.36
C ALA A 85 18.52 10.94 0.00
N ALA A 86 18.04 10.14 0.96
CA ALA A 86 17.59 8.78 0.66
C ALA A 86 16.39 8.87 -0.28
N LYS A 87 15.61 9.90 -0.04
CA LYS A 87 14.30 10.09 -0.64
C LYS A 87 14.25 11.16 -1.74
N GLN A 88 15.31 11.36 -2.54
CA GLN A 88 15.45 12.66 -3.27
C GLN A 88 14.32 12.93 -4.26
N ILE A 89 13.60 14.00 -4.01
CA ILE A 89 12.45 14.35 -4.80
C ILE A 89 12.91 14.91 -6.15
N ASN A 90 12.08 14.68 -7.16
CA ASN A 90 12.37 15.05 -8.55
C ASN A 90 11.90 16.46 -8.87
N ILE A 91 12.54 17.44 -8.26
CA ILE A 91 12.33 18.84 -8.66
C ILE A 91 13.48 19.15 -9.56
N ASP A 92 13.33 20.21 -10.35
CA ASP A 92 14.36 20.64 -11.25
C ASP A 92 15.45 21.35 -10.44
N PHE A 93 16.62 21.41 -11.04
CA PHE A 93 17.81 22.05 -10.52
C PHE A 93 17.62 23.46 -9.96
N ARG A 94 16.86 24.31 -10.67
CA ARG A 94 16.71 25.72 -10.27
C ARG A 94 15.81 25.84 -9.05
N THR A 95 14.76 25.05 -9.01
CA THR A 95 13.90 24.99 -7.83
C THR A 95 14.67 24.47 -6.59
N ARG A 96 15.50 23.44 -6.81
CA ARG A 96 16.37 22.90 -5.77
C ARG A 96 17.33 23.95 -5.24
N GLU A 97 18.06 24.64 -6.13
CA GLU A 97 19.00 25.68 -5.74
C GLU A 97 18.33 26.82 -4.97
N SER A 98 17.18 27.29 -5.45
CA SER A 98 16.48 28.35 -4.70
C SER A 98 15.93 27.88 -3.33
N THR A 99 15.45 26.64 -3.26
CA THR A 99 15.00 26.07 -1.99
C THR A 99 16.17 26.02 -0.97
N ALA A 100 17.33 25.53 -1.44
CA ALA A 100 18.53 25.44 -0.64
C ALA A 100 18.91 26.80 -0.02
N LYS A 101 18.74 27.86 -0.81
CA LYS A 101 18.99 29.21 -0.35
C LYS A 101 17.98 29.65 0.70
N LYS A 102 16.71 29.26 0.56
CA LYS A 102 15.69 29.62 1.55
C LYS A 102 15.93 28.92 2.91
N ILE A 103 16.67 27.81 2.91
CA ILE A 103 16.85 26.94 4.07
C ILE A 103 17.63 27.65 5.17
N LYS A 104 18.54 28.53 4.76
CA LYS A 104 19.44 29.20 5.69
C LYS A 104 18.74 30.29 6.52
N ALA A 105 17.59 30.79 6.06
CA ALA A 105 16.77 31.71 6.86
C ALA A 105 15.30 31.54 6.49
N PRO A 106 14.71 30.41 6.87
CA PRO A 106 13.42 30.00 6.35
C PRO A 106 12.19 30.72 6.92
N THR A 107 11.18 30.88 6.08
CA THR A 107 9.88 31.40 6.45
C THR A 107 8.87 30.30 6.20
N PRO A 108 7.60 30.50 6.62
CA PRO A 108 6.56 29.51 6.36
C PRO A 108 6.33 29.14 4.87
N THR A 109 6.83 29.94 3.94
CA THR A 109 6.60 29.68 2.51
C THR A 109 7.82 29.07 1.83
N CYS A 110 8.81 28.70 2.62
CA CYS A 110 10.07 28.18 2.12
C CYS A 110 9.92 27.08 1.02
N PHE A 111 9.05 26.10 1.25
CA PHE A 111 8.93 24.92 0.42
C PHE A 111 7.78 24.97 -0.61
N ASP A 112 7.09 26.11 -0.68
CA ASP A 112 5.94 26.31 -1.58
C ASP A 112 6.26 26.00 -3.06
N GLU A 113 7.43 26.41 -3.53
CA GLU A 113 7.79 26.18 -4.93
C GLU A 113 8.03 24.68 -5.18
N ALA A 114 8.84 24.07 -4.33
CA ALA A 114 9.14 22.65 -4.44
C ALA A 114 7.88 21.81 -4.24
N GLN A 115 7.00 22.27 -3.37
CA GLN A 115 5.79 21.52 -3.04
C GLN A 115 4.87 21.53 -4.29
N LYS A 116 4.78 22.68 -4.92
CA LYS A 116 3.97 22.83 -6.11
C LYS A 116 4.46 21.92 -7.24
N VAL A 117 5.76 21.88 -7.48
CA VAL A 117 6.31 20.98 -8.46
C VAL A 117 5.89 19.53 -8.16
N ILE A 118 6.10 19.12 -6.92
CA ILE A 118 5.81 17.73 -6.54
C ILE A 118 4.31 17.46 -6.61
N TYR A 119 3.47 18.40 -6.22
CA TYR A 119 2.02 18.21 -6.38
C TYR A 119 1.65 17.95 -7.82
N THR A 120 2.24 18.76 -8.73
CA THR A 120 1.99 18.56 -10.15
C THR A 120 2.48 17.20 -10.65
N LEU A 121 3.67 16.80 -10.21
CA LEU A 121 4.19 15.52 -10.62
C LEU A 121 3.23 14.37 -10.26
N MET A 122 2.70 14.45 -9.05
CA MET A 122 1.67 13.49 -8.59
C MET A 122 0.37 13.64 -9.44
N GLU A 123 -0.11 14.85 -9.57
CA GLU A 123 -1.38 15.10 -10.29
C GLU A 123 -1.37 14.53 -11.69
N LYS A 124 -0.25 14.65 -12.37
CA LYS A 124 -0.15 14.34 -13.77
C LYS A 124 0.37 12.95 -14.06
N ASP A 125 1.04 12.31 -13.12
CA ASP A 125 1.63 11.02 -13.38
C ASP A 125 1.07 9.89 -12.48
N SER A 126 1.38 9.92 -11.19
CA SER A 126 1.09 8.77 -10.35
C SER A 126 -0.39 8.74 -9.88
N TYR A 127 -1.03 9.90 -9.71
CA TYR A 127 -2.43 9.97 -9.36
C TYR A 127 -3.35 9.29 -10.44
N PRO A 128 -3.23 9.67 -11.72
CA PRO A 128 -3.99 8.91 -12.73
C PRO A 128 -3.74 7.40 -12.73
N ARG A 129 -2.49 6.97 -12.58
CA ARG A 129 -2.16 5.55 -12.54
C ARG A 129 -2.81 4.84 -11.36
N PHE A 130 -2.79 5.50 -10.21
CA PHE A 130 -3.46 5.00 -8.99
C PHE A 130 -4.95 4.73 -9.23
N LEU A 131 -5.59 5.65 -9.95
CA LEU A 131 -7.01 5.52 -10.20
C LEU A 131 -7.32 4.38 -11.10
N LYS A 132 -6.30 3.86 -11.81
CA LYS A 132 -6.45 2.63 -12.60
C LYS A 132 -5.83 1.41 -11.93
N SER A 133 -5.39 1.53 -10.68
CA SER A 133 -4.77 0.39 -9.95
C SER A 133 -5.78 -0.54 -9.35
N ASP A 134 -5.32 -1.75 -9.05
CA ASP A 134 -6.13 -2.71 -8.32
C ASP A 134 -6.47 -2.23 -6.95
N ILE A 135 -5.51 -1.55 -6.29
CA ILE A 135 -5.69 -1.01 -4.96
C ILE A 135 -6.95 -0.18 -4.95
N TYR A 136 -6.98 0.86 -5.79
CA TYR A 136 -8.11 1.75 -5.88
C TYR A 136 -9.40 1.06 -6.35
N LEU A 137 -9.35 0.35 -7.47
CA LEU A 137 -10.55 -0.19 -8.10
C LEU A 137 -11.17 -1.32 -7.28
N ASN A 138 -10.36 -2.20 -6.69
CA ASN A 138 -10.86 -3.19 -5.70
C ASN A 138 -11.55 -2.54 -4.53
N LEU A 139 -10.89 -1.56 -3.91
CA LEU A 139 -11.48 -0.87 -2.75
C LEU A 139 -12.84 -0.32 -3.12
N LEU A 140 -12.89 0.40 -4.23
CA LEU A 140 -14.11 1.04 -4.73
C LEU A 140 -15.24 0.03 -4.96
N ASN A 141 -14.96 -1.02 -5.72
CA ASN A 141 -15.99 -1.96 -6.13
C ASN A 141 -16.49 -2.85 -5.00
N ASP A 142 -15.55 -3.33 -4.17
CA ASP A 142 -15.90 -4.24 -3.08
C ASP A 142 -16.69 -3.53 -1.96
N LEU A 143 -16.64 -2.20 -1.92
CA LEU A 143 -17.52 -1.42 -1.02
C LEU A 143 -18.99 -1.42 -1.47
N GLN A 144 -19.21 -1.75 -2.76
CA GLN A 144 -20.52 -1.80 -3.37
C GLN A 144 -20.90 -3.23 -3.66
N ASP B 12 -23.49 1.05 0.77
CA ASP B 12 -22.15 0.86 0.15
C ASP B 12 -21.13 1.47 1.11
N VAL B 13 -21.02 0.90 2.32
CA VAL B 13 -20.25 1.52 3.42
C VAL B 13 -19.50 0.52 4.28
N LEU B 14 -18.48 1.02 4.95
CA LEU B 14 -17.75 0.28 5.94
C LEU B 14 -18.05 0.94 7.28
N SER B 15 -18.51 0.12 8.26
CA SER B 15 -18.74 0.56 9.63
C SER B 15 -17.49 0.42 10.53
N ALA B 16 -17.45 1.27 11.56
CA ALA B 16 -16.40 1.22 12.54
C ALA B 16 -16.40 -0.16 13.20
N ALA B 17 -17.57 -0.74 13.43
CA ALA B 17 -17.65 -2.03 14.14
C ALA B 17 -17.01 -3.13 13.28
N GLU B 18 -17.18 -3.06 11.96
CA GLU B 18 -16.56 -4.07 11.08
C GLU B 18 -15.02 -4.01 11.14
N VAL B 19 -14.49 -2.79 10.98
CA VAL B 19 -13.06 -2.54 11.12
C VAL B 19 -12.57 -3.01 12.48
N MET B 20 -13.28 -2.68 13.57
CA MET B 20 -12.95 -3.24 14.91
C MET B 20 -12.81 -4.76 14.88
N GLN B 21 -13.73 -5.49 14.24
CA GLN B 21 -13.67 -6.97 14.17
C GLN B 21 -12.42 -7.58 13.52
N TRP B 22 -11.77 -6.81 12.65
CA TRP B 22 -10.55 -7.26 12.00
C TRP B 22 -9.43 -7.51 12.99
N SER B 23 -9.48 -6.79 14.13
CA SER B 23 -8.58 -6.92 15.27
C SER B 23 -8.68 -8.27 16.00
N GLN B 24 -9.75 -9.03 15.75
CA GLN B 24 -10.07 -10.23 16.53
C GLN B 24 -9.36 -11.46 16.05
N SER B 25 -9.22 -11.60 14.73
CA SER B 25 -8.37 -12.62 14.14
C SER B 25 -8.11 -12.22 12.70
N LEU B 26 -7.01 -12.74 12.15
CA LEU B 26 -6.71 -12.65 10.73
C LEU B 26 -7.85 -13.31 9.93
N GLU B 27 -8.37 -14.42 10.45
CA GLU B 27 -9.52 -15.02 9.84
C GLU B 27 -10.69 -14.02 9.66
N LYS B 28 -10.99 -13.18 10.66
CA LYS B 28 -12.08 -12.21 10.52
C LYS B 28 -11.73 -11.06 9.52
N LEU B 29 -10.48 -10.61 9.50
CA LEU B 29 -10.04 -9.62 8.51
C LEU B 29 -10.25 -10.18 7.10
N LEU B 30 -9.85 -11.42 6.84
CA LEU B 30 -9.90 -11.95 5.49
C LEU B 30 -11.30 -12.38 5.09
N ALA B 31 -12.20 -12.52 6.07
CA ALA B 31 -13.62 -12.79 5.81
C ALA B 31 -14.38 -11.56 5.27
N ASN B 32 -13.77 -10.36 5.33
CA ASN B 32 -14.38 -9.14 4.82
C ASN B 32 -13.56 -8.68 3.55
N GLN B 33 -14.25 -8.52 2.44
CA GLN B 33 -13.63 -8.12 1.18
C GLN B 33 -12.88 -6.78 1.29
N THR B 34 -13.49 -5.81 1.97
CA THR B 34 -12.84 -4.54 2.23
C THR B 34 -11.61 -4.68 3.15
N GLY B 35 -11.73 -5.54 4.18
CA GLY B 35 -10.61 -5.95 4.99
C GLY B 35 -9.46 -6.49 4.17
N GLN B 36 -9.78 -7.38 3.22
CA GLN B 36 -8.78 -7.88 2.31
C GLN B 36 -8.08 -6.78 1.56
N ASN B 37 -8.85 -5.81 1.06
CA ASN B 37 -8.34 -4.71 0.27
C ASN B 37 -7.46 -3.78 1.08
N VAL B 38 -7.91 -3.39 2.28
CA VAL B 38 -7.14 -2.53 3.15
C VAL B 38 -5.83 -3.20 3.67
N PHE B 39 -5.91 -4.44 4.12
CA PHE B 39 -4.73 -5.20 4.48
C PHE B 39 -3.83 -5.43 3.27
N GLY B 40 -4.41 -5.80 2.13
CA GLY B 40 -3.65 -5.83 0.86
C GLY B 40 -2.86 -4.58 0.56
N SER B 41 -3.47 -3.42 0.78
CA SER B 41 -2.79 -2.16 0.57
C SER B 41 -1.60 -1.98 1.51
N PHE B 42 -1.81 -2.36 2.76
CA PHE B 42 -0.74 -2.38 3.76
C PHE B 42 0.40 -3.31 3.33
N LEU B 43 0.05 -4.50 2.85
CA LEU B 43 1.08 -5.46 2.43
C LEU B 43 1.86 -4.95 1.20
N LYS B 44 1.13 -4.38 0.25
CA LYS B 44 1.73 -3.64 -0.88
C LYS B 44 2.76 -2.58 -0.40
N SER B 45 2.39 -1.77 0.58
CA SER B 45 3.30 -0.78 1.07
C SER B 45 4.60 -1.38 1.69
N GLU B 46 4.58 -2.66 2.06
CA GLU B 46 5.74 -3.39 2.57
C GLU B 46 6.33 -4.42 1.63
N PHE B 47 5.95 -4.42 0.35
CA PHE B 47 6.37 -5.45 -0.57
C PHE B 47 6.18 -6.88 -0.09
N SER B 48 5.00 -7.18 0.46
CA SER B 48 4.68 -8.54 0.93
C SER B 48 3.28 -8.96 0.50
N GLU B 49 2.74 -8.28 -0.51
CA GLU B 49 1.37 -8.55 -0.95
C GLU B 49 1.23 -9.90 -1.67
N GLU B 50 2.33 -10.44 -2.18
CA GLU B 50 2.35 -11.80 -2.71
C GLU B 50 1.76 -12.83 -1.74
N ASN B 51 1.86 -12.58 -0.43
CA ASN B 51 1.27 -13.49 0.53
C ASN B 51 -0.24 -13.51 0.48
N ILE B 52 -0.88 -12.34 0.46
CA ILE B 52 -2.31 -12.28 0.37
C ILE B 52 -2.80 -12.67 -1.06
N GLU B 53 -2.05 -12.26 -2.08
CA GLU B 53 -2.36 -12.66 -3.44
C GLU B 53 -2.31 -14.17 -3.60
N PHE B 54 -1.27 -14.80 -3.08
CA PHE B 54 -1.19 -16.27 -3.05
C PHE B 54 -2.34 -16.93 -2.28
N TRP B 55 -2.62 -16.44 -1.08
CA TRP B 55 -3.70 -16.99 -0.24
C TRP B 55 -5.04 -16.93 -0.98
N LEU B 56 -5.34 -15.77 -1.54
CA LEU B 56 -6.59 -15.54 -2.26
C LEU B 56 -6.69 -16.42 -3.52
N ALA B 57 -5.56 -16.66 -4.19
CA ALA B 57 -5.48 -17.59 -5.36
C ALA B 57 -5.79 -19.01 -4.97
N CYS B 58 -5.29 -19.43 -3.81
CA CYS B 58 -5.56 -20.76 -3.28
C CYS B 58 -7.03 -20.91 -2.95
N GLU B 59 -7.62 -19.88 -2.34
CA GLU B 59 -9.06 -19.90 -2.07
C GLU B 59 -9.87 -20.09 -3.38
N ASP B 60 -9.54 -19.31 -4.40
CA ASP B 60 -10.14 -19.52 -5.75
C ASP B 60 -9.85 -20.87 -6.36
N TYR B 61 -8.58 -21.30 -6.30
CA TYR B 61 -8.15 -22.57 -6.85
C TYR B 61 -9.01 -23.73 -6.35
N LYS B 62 -9.26 -23.69 -5.04
CA LYS B 62 -10.06 -24.68 -4.33
C LYS B 62 -11.45 -24.93 -4.87
N LYS B 63 -12.11 -23.86 -5.29
CA LYS B 63 -13.48 -23.91 -5.82
C LYS B 63 -13.53 -24.04 -7.37
N THR B 64 -12.39 -24.26 -8.02
CA THR B 64 -12.28 -24.30 -9.49
C THR B 64 -12.60 -25.68 -10.09
N GLU B 65 -13.36 -25.66 -11.20
CA GLU B 65 -13.66 -26.83 -12.04
C GLU B 65 -12.46 -27.72 -12.18
N SER B 66 -12.66 -29.03 -12.05
CA SER B 66 -11.52 -29.96 -12.04
C SER B 66 -10.73 -30.00 -13.34
N ASP B 67 -11.39 -29.74 -14.48
CA ASP B 67 -10.71 -29.64 -15.76
C ASP B 67 -9.65 -28.55 -15.78
N LEU B 68 -9.87 -27.47 -15.04
CA LEU B 68 -8.95 -26.33 -15.05
C LEU B 68 -7.92 -26.33 -13.91
N LEU B 69 -7.94 -27.34 -13.05
CA LEU B 69 -6.97 -27.42 -11.95
C LEU B 69 -5.52 -27.59 -12.45
N PRO B 70 -5.28 -28.45 -13.45
CA PRO B 70 -3.88 -28.53 -13.88
C PRO B 70 -3.32 -27.17 -14.32
N CYS B 71 -4.12 -26.46 -15.10
CA CYS B 71 -3.77 -25.14 -15.58
C CYS B 71 -3.63 -24.10 -14.45
N LYS B 72 -4.64 -24.00 -13.60
CA LYS B 72 -4.55 -23.09 -12.48
C LYS B 72 -3.37 -23.41 -11.58
N ALA B 73 -3.18 -24.68 -11.27
CA ALA B 73 -2.06 -25.12 -10.45
C ALA B 73 -0.72 -24.71 -11.06
N GLU B 74 -0.55 -24.90 -12.36
CA GLU B 74 0.67 -24.49 -13.05
C GLU B 74 0.89 -23.00 -12.95
N GLU B 75 -0.16 -22.22 -13.18
CA GLU B 75 -0.11 -20.78 -13.05
C GLU B 75 0.29 -20.32 -11.61
N ILE B 76 -0.38 -20.87 -10.61
CA ILE B 76 -0.10 -20.52 -9.22
C ILE B 76 1.35 -20.87 -8.86
N TYR B 77 1.78 -22.07 -9.26
CA TYR B 77 3.11 -22.55 -8.93
C TYR B 77 4.16 -21.63 -9.55
N LYS B 78 4.03 -21.41 -10.86
CA LYS B 78 4.96 -20.53 -11.59
C LYS B 78 4.93 -19.08 -11.10
N ALA B 79 3.75 -18.60 -10.68
CA ALA B 79 3.59 -17.22 -10.22
C ALA B 79 4.10 -16.97 -8.78
N PHE B 80 3.95 -17.96 -7.90
CA PHE B 80 4.22 -17.77 -6.46
C PHE B 80 5.24 -18.75 -5.86
N VAL B 81 5.25 -19.99 -6.32
CA VAL B 81 5.85 -21.05 -5.55
C VAL B 81 7.28 -21.30 -6.05
N HIS B 82 7.41 -21.36 -7.39
CA HIS B 82 8.66 -21.67 -8.07
C HIS B 82 9.80 -20.73 -7.66
N SER B 83 11.00 -21.30 -7.55
CA SER B 83 12.16 -20.57 -7.06
C SER B 83 12.55 -19.35 -7.92
N ASP B 84 12.05 -19.28 -9.14
CA ASP B 84 12.30 -18.15 -10.01
C ASP B 84 11.02 -17.36 -10.27
N ALA B 85 10.01 -17.53 -9.40
CA ALA B 85 8.76 -16.75 -9.47
C ALA B 85 9.05 -15.32 -9.09
N ALA B 86 8.39 -14.36 -9.74
CA ALA B 86 8.61 -12.94 -9.46
C ALA B 86 8.03 -12.60 -8.11
N LYS B 87 6.99 -13.34 -7.76
CA LYS B 87 6.21 -13.11 -6.57
C LYS B 87 6.46 -14.26 -5.56
N GLN B 88 7.72 -14.72 -5.42
CA GLN B 88 7.99 -15.99 -4.74
C GLN B 88 7.50 -15.96 -3.26
N ILE B 89 6.72 -16.93 -2.85
CA ILE B 89 6.30 -16.96 -1.44
C ILE B 89 7.39 -17.62 -0.55
N ASN B 90 7.46 -17.16 0.70
CA ASN B 90 8.48 -17.63 1.67
C ASN B 90 7.93 -18.87 2.40
N ILE B 91 8.01 -20.01 1.75
CA ILE B 91 7.70 -21.28 2.38
C ILE B 91 9.00 -22.00 2.46
N ASP B 92 9.04 -22.99 3.33
CA ASP B 92 10.24 -23.76 3.51
C ASP B 92 10.47 -24.72 2.34
N PHE B 93 11.72 -25.16 2.24
CA PHE B 93 12.17 -26.02 1.16
C PHE B 93 11.39 -27.35 1.01
N ARG B 94 11.02 -28.00 2.12
CA ARG B 94 10.31 -29.27 2.03
C ARG B 94 8.90 -29.05 1.56
N THR B 95 8.24 -28.06 2.13
CA THR B 95 6.91 -27.68 1.67
C THR B 95 6.88 -27.31 0.19
N ARG B 96 7.90 -26.57 -0.27
CA ARG B 96 8.00 -26.21 -1.69
C ARG B 96 8.17 -27.43 -2.60
N GLU B 97 9.12 -28.30 -2.24
CA GLU B 97 9.43 -29.51 -2.99
C GLU B 97 8.21 -30.48 -3.04
N SER B 98 7.44 -30.54 -1.97
CA SER B 98 6.27 -31.42 -1.97
C SER B 98 5.06 -30.79 -2.70
N THR B 99 4.97 -29.47 -2.66
CA THR B 99 3.99 -28.77 -3.51
C THR B 99 4.35 -28.97 -5.01
N ALA B 100 5.65 -28.89 -5.35
CA ALA B 100 6.11 -29.01 -6.73
C ALA B 100 5.69 -30.37 -7.32
N LYS B 101 5.71 -31.40 -6.46
CA LYS B 101 5.35 -32.76 -6.82
C LYS B 101 3.86 -32.92 -7.13
N LYS B 102 3.01 -32.21 -6.41
CA LYS B 102 1.55 -32.29 -6.61
C LYS B 102 1.05 -31.57 -7.88
N ILE B 103 1.88 -30.69 -8.45
CA ILE B 103 1.47 -29.84 -9.58
C ILE B 103 1.17 -30.66 -10.85
N LYS B 104 1.86 -31.79 -10.96
CA LYS B 104 1.81 -32.60 -12.16
C LYS B 104 0.55 -33.48 -12.21
N ALA B 105 -0.21 -33.52 -11.12
CA ALA B 105 -1.50 -34.21 -11.10
C ALA B 105 -2.29 -33.66 -9.91
N PRO B 106 -2.71 -32.39 -10.02
CA PRO B 106 -3.14 -31.67 -8.85
C PRO B 106 -4.60 -31.86 -8.48
N THR B 107 -4.90 -31.84 -7.18
CA THR B 107 -6.27 -31.93 -6.68
C THR B 107 -6.64 -30.60 -6.05
N PRO B 108 -7.90 -30.43 -5.62
CA PRO B 108 -8.29 -29.20 -4.93
C PRO B 108 -7.48 -28.83 -3.65
N THR B 109 -6.79 -29.79 -3.03
CA THR B 109 -6.02 -29.55 -1.80
C THR B 109 -4.50 -29.42 -2.04
N CYS B 110 -4.10 -29.41 -3.32
CA CYS B 110 -2.71 -29.22 -3.77
C CYS B 110 -1.90 -28.17 -2.96
N PHE B 111 -2.51 -27.02 -2.72
CA PHE B 111 -1.84 -25.88 -2.10
C PHE B 111 -2.10 -25.69 -0.58
N ASP B 112 -2.84 -26.63 0.03
CA ASP B 112 -3.22 -26.51 1.43
C ASP B 112 -2.01 -26.32 2.38
N GLU B 113 -0.96 -27.10 2.17
CA GLU B 113 0.25 -27.03 3.03
C GLU B 113 0.94 -25.69 2.87
N ALA B 114 1.16 -25.28 1.63
CA ALA B 114 1.77 -23.97 1.35
C ALA B 114 0.92 -22.84 1.88
N GLN B 115 -0.40 -22.98 1.74
CA GLN B 115 -1.33 -21.93 2.13
C GLN B 115 -1.35 -21.77 3.67
N LYS B 116 -1.28 -22.87 4.41
CA LYS B 116 -1.23 -22.80 5.86
C LYS B 116 0.05 -22.11 6.35
N VAL B 117 1.18 -22.40 5.74
CA VAL B 117 2.44 -21.70 6.06
C VAL B 117 2.28 -20.18 5.91
N ILE B 118 1.76 -19.77 4.74
CA ILE B 118 1.65 -18.39 4.43
C ILE B 118 0.60 -17.73 5.31
N TYR B 119 -0.49 -18.42 5.63
CA TYR B 119 -1.46 -17.85 6.56
C TYR B 119 -0.78 -17.57 7.94
N THR B 120 -0.04 -18.55 8.44
CA THR B 120 0.68 -18.45 9.73
C THR B 120 1.70 -17.32 9.75
N LEU B 121 2.42 -17.20 8.64
CA LEU B 121 3.34 -16.09 8.43
C LEU B 121 2.71 -14.73 8.52
N MET B 122 1.60 -14.56 7.85
CA MET B 122 0.85 -13.32 7.98
C MET B 122 0.27 -13.13 9.40
N GLU B 123 -0.24 -14.19 9.97
CA GLU B 123 -0.84 -14.15 11.29
C GLU B 123 0.10 -13.68 12.38
N LYS B 124 1.35 -14.12 12.30
CA LYS B 124 2.42 -13.81 13.27
C LYS B 124 3.21 -12.56 12.99
N ASP B 125 3.21 -12.08 11.74
CA ASP B 125 4.15 -11.02 11.35
C ASP B 125 3.42 -9.76 10.85
N SER B 126 2.90 -9.84 9.62
CA SER B 126 2.31 -8.66 9.00
C SER B 126 0.99 -8.25 9.62
N TYR B 127 0.17 -9.23 10.03
CA TYR B 127 -1.14 -8.89 10.57
C TYR B 127 -1.07 -8.04 11.90
N PRO B 128 -0.28 -8.47 12.90
CA PRO B 128 -0.10 -7.61 14.09
C PRO B 128 0.45 -6.22 13.76
N ARG B 129 1.35 -6.13 12.81
CA ARG B 129 1.86 -4.82 12.43
C ARG B 129 0.80 -4.01 11.71
N PHE B 130 -0.05 -4.66 10.92
CA PHE B 130 -1.17 -3.96 10.30
C PHE B 130 -2.10 -3.26 11.32
N LEU B 131 -2.37 -3.94 12.41
CA LEU B 131 -3.26 -3.47 13.46
C LEU B 131 -2.72 -2.26 14.15
N LYS B 132 -1.39 -2.06 14.09
CA LYS B 132 -0.78 -0.86 14.63
C LYS B 132 -0.50 0.21 13.57
N SER B 133 -0.91 -0.05 12.34
CA SER B 133 -0.59 0.87 11.24
C SER B 133 -1.53 2.08 11.19
N ASP B 134 -1.05 3.17 10.59
CA ASP B 134 -1.89 4.32 10.26
C ASP B 134 -3.10 3.96 9.41
N ILE B 135 -2.90 3.15 8.39
CA ILE B 135 -4.00 2.85 7.48
C ILE B 135 -5.18 2.14 8.22
N TYR B 136 -4.86 1.20 9.12
CA TYR B 136 -5.88 0.56 9.93
C TYR B 136 -6.50 1.51 10.96
N LEU B 137 -5.63 2.08 11.80
CA LEU B 137 -6.05 2.90 12.96
C LEU B 137 -6.75 4.18 12.56
N ASN B 138 -6.31 4.81 11.47
CA ASN B 138 -6.96 6.04 10.95
C ASN B 138 -8.37 5.75 10.49
N LEU B 139 -8.55 4.55 9.96
CA LEU B 139 -9.85 4.15 9.41
C LEU B 139 -10.85 3.95 10.53
N LEU B 140 -10.35 3.47 11.66
CA LEU B 140 -11.12 3.18 12.83
C LEU B 140 -11.47 4.51 13.46
N ASN B 141 -10.48 5.36 13.61
CA ASN B 141 -10.66 6.65 14.28
C ASN B 141 -11.57 7.59 13.52
#